data_5XU5
#
_entry.id   5XU5
#
_cell.length_a   44.696
_cell.length_b   59.002
_cell.length_c   104.983
_cell.angle_alpha   90.00
_cell.angle_beta   90.00
_cell.angle_gamma   90.00
#
_symmetry.space_group_name_H-M   'P 21 21 21'
#
loop_
_entity.id
_entity.type
_entity.pdbx_description
1 polymer endo-1,4-beta-mannanase
2 branched beta-D-mannopyranose-(1-4)-beta-D-mannopyranose-(1-4)-beta-D-mannopyranose-(1-4)-beta-D-mannopyranose
3 water water
#
_entity_poly.entity_id   1
_entity_poly.type   'polypeptide(L)'
_entity_poly.pdbx_seq_one_letter_code
;ADRGTETVPGLGQRKQQILNSGGGVWDLAIAMLETKNLGTDYVYGDGKTYDSANFGIFKQNWFMLRTSTSQFKGQTTNQW
NNGAVLNSNLQQDIKARQESQNYYGPDKWFAGHRNGESGLSNPYTQDITNYKDAVNWIHDQLASDPKYLSDDTRFWVDVT
AI
;
_entity_poly.pdbx_strand_id   B,A
#
loop_
_chem_comp.id
_chem_comp.type
_chem_comp.name
_chem_comp.formula
BMA D-saccharide, beta linking beta-D-mannopyranose 'C6 H12 O6'
#
# COMPACT_ATOMS: atom_id res chain seq x y z
N ALA A 1 -13.84 -18.74 -18.91
CA ALA A 1 -12.52 -18.92 -18.30
C ALA A 1 -12.39 -18.15 -16.98
N ASP A 2 -11.26 -18.43 -16.30
CA ASP A 2 -10.89 -17.73 -15.06
C ASP A 2 -10.73 -16.23 -15.27
N ARG A 3 -10.25 -15.83 -16.43
CA ARG A 3 -9.79 -14.47 -16.63
C ARG A 3 -9.75 -14.19 -18.12
N GLY A 4 -9.59 -12.91 -18.45
CA GLY A 4 -9.51 -12.54 -19.84
C GLY A 4 -9.40 -11.05 -20.01
N THR A 5 -9.75 -10.62 -21.22
CA THR A 5 -9.60 -9.24 -21.62
C THR A 5 -10.83 -8.85 -22.42
N GLU A 6 -11.19 -7.58 -22.31
CA GLU A 6 -12.31 -7.04 -23.06
C GLU A 6 -12.03 -5.56 -23.32
N THR A 7 -12.62 -5.06 -24.39
CA THR A 7 -12.57 -3.63 -24.67
C THR A 7 -13.80 -2.98 -24.06
N VAL A 8 -13.56 -1.91 -23.32
CA VAL A 8 -14.63 -1.10 -22.75
C VAL A 8 -14.47 0.28 -23.36
N PRO A 9 -15.19 0.59 -24.45
CA PRO A 9 -14.99 1.89 -25.10
C PRO A 9 -15.03 3.06 -24.13
N GLY A 10 -14.00 3.90 -24.21
CA GLY A 10 -13.89 5.10 -23.42
C GLY A 10 -13.22 4.92 -22.06
N LEU A 11 -12.95 3.67 -21.65
CA LEU A 11 -12.50 3.45 -20.28
C LEU A 11 -11.16 4.13 -19.99
N GLY A 12 -10.28 4.25 -21.00
CA GLY A 12 -9.01 4.93 -20.81
C GLY A 12 -9.13 6.36 -20.34
N GLN A 13 -10.25 7.02 -20.64
CA GLN A 13 -10.49 8.35 -20.08
C GLN A 13 -10.66 8.29 -18.57
N ARG A 14 -11.42 7.30 -18.10
CA ARG A 14 -11.62 7.16 -16.67
C ARG A 14 -10.35 6.66 -15.98
N LYS A 15 -9.62 5.74 -16.63
CA LYS A 15 -8.32 5.33 -16.11
C LYS A 15 -7.44 6.55 -15.81
N GLN A 16 -7.37 7.47 -16.76
CA GLN A 16 -6.52 8.63 -16.57
C GLN A 16 -7.04 9.53 -15.46
N GLN A 17 -8.36 9.69 -15.35
CA GLN A 17 -8.90 10.46 -14.23
C GLN A 17 -8.49 9.87 -12.90
N ILE A 18 -8.58 8.54 -12.78
CA ILE A 18 -8.17 7.90 -11.54
C ILE A 18 -6.71 8.20 -11.24
N LEU A 19 -5.83 8.01 -12.25
CA LEU A 19 -4.42 8.28 -12.08
C LEU A 19 -4.11 9.76 -11.90
N ASN A 20 -5.04 10.65 -12.24
CA ASN A 20 -4.86 12.08 -12.03
C ASN A 20 -5.51 12.57 -10.74
N SER A 21 -6.12 11.66 -9.97
CA SER A 21 -6.80 12.03 -8.73
C SER A 21 -6.12 11.41 -7.52
N GLY A 22 -4.85 11.05 -7.66
CA GLY A 22 -4.10 10.44 -6.60
C GLY A 22 -3.98 8.94 -6.69
N GLY A 23 -4.60 8.31 -7.69
CA GLY A 23 -4.51 6.86 -7.82
C GLY A 23 -3.19 6.43 -8.43
N GLY A 24 -2.77 5.22 -8.10
CA GLY A 24 -1.64 4.59 -8.73
C GLY A 24 -2.10 3.38 -9.53
N VAL A 25 -1.13 2.72 -10.16
CA VAL A 25 -1.46 1.52 -10.95
C VAL A 25 -2.11 0.45 -10.07
N TRP A 26 -1.62 0.31 -8.83
CA TRP A 26 -2.19 -0.68 -7.91
C TRP A 26 -3.66 -0.38 -7.64
N ASP A 27 -4.00 0.90 -7.42
CA ASP A 27 -5.40 1.27 -7.23
C ASP A 27 -6.23 0.93 -8.47
N LEU A 28 -5.69 1.19 -9.65
CA LEU A 28 -6.43 0.92 -10.88
C LEU A 28 -6.73 -0.56 -11.02
N ALA A 29 -5.77 -1.42 -10.64
CA ALA A 29 -5.99 -2.85 -10.68
C ALA A 29 -7.15 -3.27 -9.78
N ILE A 30 -7.24 -2.69 -8.58
CA ILE A 30 -8.32 -3.07 -7.67
C ILE A 30 -9.66 -2.57 -8.21
N ALA A 31 -9.68 -1.34 -8.70
CA ALA A 31 -10.90 -0.80 -9.30
C ALA A 31 -11.30 -1.59 -10.54
N MET A 32 -10.32 -2.00 -11.34
CA MET A 32 -10.62 -2.72 -12.58
C MET A 32 -11.32 -4.04 -12.29
N LEU A 33 -10.95 -4.70 -11.20
CA LEU A 33 -11.63 -5.94 -10.85
C LEU A 33 -13.03 -5.69 -10.31
N GLU A 34 -13.24 -4.55 -9.66
CA GLU A 34 -14.48 -4.32 -8.92
C GLU A 34 -15.66 -4.03 -9.86
N THR A 35 -15.42 -3.26 -10.92
CA THR A 35 -16.47 -2.86 -11.85
C THR A 35 -15.90 -2.83 -13.26
N LYS A 36 -16.78 -3.03 -14.23
CA LYS A 36 -16.37 -2.99 -15.63
C LYS A 36 -16.00 -1.58 -16.06
N ASN A 37 -16.74 -0.58 -15.58
CA ASN A 37 -16.61 0.80 -16.03
C ASN A 37 -15.80 1.70 -15.09
N LEU A 38 -15.06 1.13 -14.14
CA LEU A 38 -14.33 1.91 -13.13
C LEU A 38 -15.24 2.96 -12.49
N GLY A 39 -16.48 2.58 -12.21
CA GLY A 39 -17.50 3.52 -11.81
C GLY A 39 -18.09 3.18 -10.46
N THR A 40 -19.05 4.03 -10.05
CA THR A 40 -19.72 3.91 -8.76
C THR A 40 -21.22 3.80 -8.92
N ASP A 41 -21.69 3.48 -10.13
CA ASP A 41 -23.12 3.45 -10.42
C ASP A 41 -23.70 2.04 -10.30
N TYR A 42 -23.02 1.16 -9.58
CA TYR A 42 -23.66 -0.07 -9.15
C TYR A 42 -24.72 0.27 -8.11
N VAL A 43 -25.55 -0.72 -7.77
CA VAL A 43 -26.65 -0.48 -6.85
C VAL A 43 -26.11 0.07 -5.54
N TYR A 44 -26.83 1.02 -4.95
CA TYR A 44 -26.41 1.66 -3.72
C TYR A 44 -25.93 0.65 -2.69
N GLY A 45 -24.74 0.88 -2.15
CA GLY A 45 -24.16 -0.02 -1.18
C GLY A 45 -23.80 -1.38 -1.73
N ASP A 46 -23.85 -1.55 -3.04
CA ASP A 46 -23.75 -2.88 -3.67
C ASP A 46 -24.83 -3.82 -3.18
N GLY A 47 -26.00 -3.28 -2.83
CA GLY A 47 -27.10 -4.07 -2.33
C GLY A 47 -27.03 -4.43 -0.85
N LYS A 48 -26.03 -3.93 -0.12
CA LYS A 48 -25.81 -4.32 1.26
C LYS A 48 -25.92 -3.11 2.17
N THR A 49 -26.01 -3.38 3.47
CA THR A 49 -26.29 -2.35 4.45
C THR A 49 -25.30 -2.48 5.61
N TYR A 50 -25.18 -1.39 6.36
CA TYR A 50 -24.41 -1.31 7.61
C TYR A 50 -22.94 -1.67 7.31
N ASP A 51 -22.29 -2.50 8.13
CA ASP A 51 -20.86 -2.73 7.94
C ASP A 51 -20.51 -3.38 6.61
N SER A 52 -21.48 -4.00 5.94
CA SER A 52 -21.24 -4.72 4.69
C SER A 52 -21.42 -3.85 3.45
N ALA A 53 -22.04 -2.68 3.58
CA ALA A 53 -22.29 -1.85 2.41
C ALA A 53 -20.99 -1.42 1.74
N ASN A 54 -21.01 -1.34 0.40
CA ASN A 54 -19.83 -0.98 -0.39
C ASN A 54 -20.03 0.37 -1.07
N PHE A 55 -18.98 1.18 -1.07
CA PHE A 55 -18.99 2.51 -1.67
C PHE A 55 -17.73 2.69 -2.51
N GLY A 56 -17.78 3.67 -3.43
CA GLY A 56 -16.60 4.03 -4.20
C GLY A 56 -16.26 3.04 -5.30
N ILE A 57 -15.24 3.40 -6.09
CA ILE A 57 -14.86 2.59 -7.25
C ILE A 57 -14.22 1.27 -6.84
N PHE A 58 -13.77 1.14 -5.60
CA PHE A 58 -13.20 -0.11 -5.11
C PHE A 58 -14.22 -0.98 -4.39
N LYS A 59 -15.42 -0.47 -4.15
CA LYS A 59 -16.42 -1.16 -3.34
C LYS A 59 -15.86 -1.49 -1.97
N GLN A 60 -15.23 -0.48 -1.35
CA GLN A 60 -14.81 -0.59 0.04
C GLN A 60 -16.02 -0.73 0.95
N ASN A 61 -15.91 -1.62 1.94
CA ASN A 61 -17.02 -1.81 2.87
C ASN A 61 -16.90 -0.89 4.08
N TRP A 62 -18.06 -0.62 4.69
CA TRP A 62 -18.12 0.41 5.73
C TRP A 62 -17.30 0.01 6.95
N PHE A 63 -17.21 -1.29 7.23
CA PHE A 63 -16.33 -1.71 8.32
C PHE A 63 -14.91 -1.20 8.12
N MET A 64 -14.36 -1.42 6.93
CA MET A 64 -12.99 -0.98 6.67
C MET A 64 -12.92 0.54 6.73
N LEU A 65 -13.93 1.21 6.19
CA LEU A 65 -13.91 2.67 6.14
C LEU A 65 -13.86 3.25 7.54
N ARG A 66 -14.77 2.80 8.40
CA ARG A 66 -14.92 3.38 9.73
C ARG A 66 -13.82 2.96 10.67
N THR A 67 -12.97 2.00 10.30
CA THR A 67 -11.91 1.58 11.17
C THR A 67 -10.51 1.96 10.69
N SER A 68 -10.36 2.49 9.46
CA SER A 68 -8.99 2.68 8.98
C SER A 68 -8.78 3.86 8.04
N THR A 69 -9.70 4.82 7.94
CA THR A 69 -9.53 5.98 7.08
C THR A 69 -9.60 7.23 7.93
N SER A 70 -8.81 8.26 7.55
CA SER A 70 -8.93 9.51 8.30
C SER A 70 -10.31 10.10 8.13
N GLN A 71 -10.94 9.90 6.96
CA GLN A 71 -12.25 10.51 6.74
C GLN A 71 -13.34 9.86 7.59
N PHE A 72 -13.25 8.56 7.91
CA PHE A 72 -14.36 7.88 8.59
C PHE A 72 -14.02 7.17 9.90
N LYS A 73 -12.75 7.14 10.31
CA LYS A 73 -12.40 6.45 11.56
C LYS A 73 -13.19 7.02 12.73
N GLY A 74 -13.64 6.12 13.60
CA GLY A 74 -14.42 6.46 14.77
C GLY A 74 -15.91 6.37 14.58
N GLN A 75 -16.40 6.40 13.34
CA GLN A 75 -17.83 6.40 13.14
C GLN A 75 -18.39 5.01 13.35
N THR A 76 -19.71 4.94 13.52
CA THR A 76 -20.38 3.73 13.93
C THR A 76 -20.97 2.98 12.74
N THR A 77 -21.29 1.70 12.98
CA THR A 77 -22.04 0.91 12.01
C THR A 77 -23.29 1.65 11.54
N ASN A 78 -24.06 2.22 12.47
CA ASN A 78 -25.30 2.90 12.12
C ASN A 78 -25.08 4.10 11.21
N GLN A 79 -23.86 4.65 11.13
CA GLN A 79 -23.57 5.80 10.30
C GLN A 79 -23.15 5.43 8.88
N TRP A 80 -23.43 4.19 8.46
CA TRP A 80 -22.85 3.61 7.25
C TRP A 80 -23.19 4.39 5.98
N ASN A 81 -24.33 5.08 5.95
CA ASN A 81 -24.65 5.86 4.77
C ASN A 81 -23.69 7.01 4.55
N ASN A 82 -22.87 7.36 5.55
CA ASN A 82 -21.88 8.42 5.37
C ASN A 82 -20.84 8.03 4.33
N GLY A 83 -20.63 6.73 4.12
CA GLY A 83 -19.67 6.28 3.13
C GLY A 83 -20.04 6.64 1.70
N ALA A 84 -21.31 6.96 1.45
CA ALA A 84 -21.78 7.21 0.09
C ALA A 84 -21.15 8.44 -0.54
N VAL A 85 -20.61 9.36 0.26
CA VAL A 85 -19.91 10.52 -0.30
C VAL A 85 -18.80 10.05 -1.23
N LEU A 86 -18.24 8.87 -0.99
CA LEU A 86 -17.19 8.38 -1.88
C LEU A 86 -17.69 8.12 -3.29
N ASN A 87 -18.99 7.86 -3.45
CA ASN A 87 -19.52 7.62 -4.79
C ASN A 87 -19.42 8.83 -5.69
N SER A 88 -19.18 10.02 -5.13
CA SER A 88 -19.09 11.21 -5.95
C SER A 88 -17.88 12.07 -5.60
N ASN A 89 -16.92 11.55 -4.84
CA ASN A 89 -15.64 12.24 -4.63
C ASN A 89 -14.53 11.22 -4.87
N LEU A 90 -14.04 11.18 -6.11
CA LEU A 90 -13.02 10.20 -6.50
C LEU A 90 -11.75 10.35 -5.68
N GLN A 91 -11.34 11.59 -5.43
CA GLN A 91 -10.11 11.83 -4.67
C GLN A 91 -10.22 11.29 -3.25
N GLN A 92 -11.33 11.60 -2.57
CA GLN A 92 -11.55 11.05 -1.23
C GLN A 92 -11.65 9.54 -1.27
N ASP A 93 -12.30 9.02 -2.31
CA ASP A 93 -12.38 7.58 -2.56
C ASP A 93 -10.99 6.95 -2.61
N ILE A 94 -10.14 7.47 -3.49
CA ILE A 94 -8.77 6.97 -3.61
C ILE A 94 -8.03 7.13 -2.28
N LYS A 95 -8.12 8.32 -1.68
CA LYS A 95 -7.36 8.58 -0.45
C LYS A 95 -7.75 7.61 0.65
N ALA A 96 -9.05 7.33 0.79
CA ALA A 96 -9.52 6.43 1.83
C ALA A 96 -8.97 5.02 1.62
N ARG A 97 -8.99 4.51 0.39
CA ARG A 97 -8.49 3.17 0.18
C ARG A 97 -7.00 3.08 0.47
N GLN A 98 -6.22 4.08 0.06
CA GLN A 98 -4.79 4.07 0.33
C GLN A 98 -4.51 4.13 1.83
N GLU A 99 -5.22 4.99 2.55
CA GLU A 99 -5.06 5.03 4.00
C GLU A 99 -5.49 3.72 4.67
N SER A 100 -6.59 3.13 4.20
CA SER A 100 -7.02 1.83 4.71
C SER A 100 -5.91 0.79 4.56
N GLN A 101 -5.30 0.71 3.37
CA GLN A 101 -4.25 -0.29 3.18
C GLN A 101 -2.97 0.08 3.93
N ASN A 102 -2.69 1.37 4.12
CA ASN A 102 -1.52 1.77 4.89
C ASN A 102 -1.74 1.65 6.38
N TYR A 103 -2.99 1.50 6.81
CA TYR A 103 -3.30 1.24 8.21
C TYR A 103 -3.19 -0.25 8.51
N TYR A 104 -3.82 -1.09 7.67
CA TYR A 104 -3.88 -2.52 7.89
C TYR A 104 -2.68 -3.28 7.33
N GLY A 105 -1.90 -2.66 6.43
CA GLY A 105 -0.95 -3.40 5.63
C GLY A 105 -1.66 -4.18 4.53
N PRO A 106 -0.92 -4.53 3.47
CA PRO A 106 -1.56 -5.16 2.30
C PRO A 106 -2.36 -6.43 2.64
N ASP A 107 -1.75 -7.37 3.37
CA ASP A 107 -2.39 -8.65 3.62
C ASP A 107 -3.68 -8.49 4.40
N LYS A 108 -3.64 -7.75 5.51
CA LYS A 108 -4.86 -7.58 6.28
C LYS A 108 -5.85 -6.69 5.57
N TRP A 109 -5.37 -5.72 4.76
CA TRP A 109 -6.30 -4.94 3.96
C TRP A 109 -7.07 -5.84 2.99
N PHE A 110 -6.36 -6.73 2.30
CA PHE A 110 -7.04 -7.70 1.44
C PHE A 110 -8.10 -8.47 2.20
N ALA A 111 -7.76 -8.93 3.41
CA ALA A 111 -8.66 -9.77 4.19
C ALA A 111 -9.94 -9.04 4.56
N GLY A 112 -9.80 -7.84 5.12
CA GLY A 112 -10.97 -7.10 5.53
C GLY A 112 -11.73 -6.50 4.38
N HIS A 113 -11.03 -6.15 3.29
CA HIS A 113 -11.74 -5.69 2.11
C HIS A 113 -12.59 -6.81 1.51
N ARG A 114 -12.01 -8.01 1.42
CA ARG A 114 -12.68 -9.14 0.80
C ARG A 114 -13.73 -9.72 1.73
N ASN A 115 -13.37 -10.00 2.98
CA ASN A 115 -14.21 -10.76 3.92
C ASN A 115 -14.71 -9.93 5.09
N GLY A 116 -14.50 -8.63 5.08
CA GLY A 116 -15.01 -7.81 6.17
C GLY A 116 -14.26 -8.03 7.47
N GLU A 117 -14.97 -7.75 8.57
CA GLU A 117 -14.35 -7.81 9.90
C GLU A 117 -13.83 -9.21 10.21
N SER A 118 -14.56 -10.25 9.82
CA SER A 118 -14.15 -11.61 10.13
C SER A 118 -12.93 -12.04 9.33
N GLY A 119 -12.64 -11.37 8.21
CA GLY A 119 -11.42 -11.66 7.49
C GLY A 119 -10.17 -11.30 8.26
N LEU A 120 -10.24 -10.31 9.13
CA LEU A 120 -9.08 -9.96 9.93
C LEU A 120 -8.66 -11.10 10.85
N SER A 121 -9.54 -12.08 11.09
CA SER A 121 -9.21 -13.23 11.93
C SER A 121 -8.05 -14.04 11.35
N ASN A 122 -7.98 -14.12 10.02
CA ASN A 122 -6.90 -14.84 9.34
C ASN A 122 -6.83 -14.38 7.90
N PRO A 123 -5.91 -13.46 7.56
CA PRO A 123 -5.86 -12.93 6.20
C PRO A 123 -5.43 -13.93 5.14
N TYR A 124 -5.06 -15.16 5.50
CA TYR A 124 -4.38 -16.07 4.58
C TYR A 124 -5.26 -17.23 4.16
N THR A 125 -6.56 -17.10 4.36
CA THR A 125 -7.53 -18.09 3.92
C THR A 125 -7.60 -18.12 2.39
N GLN A 126 -8.12 -19.22 1.85
CA GLN A 126 -8.06 -19.42 0.40
C GLN A 126 -8.93 -18.43 -0.36
N ASP A 127 -10.10 -18.07 0.17
CA ASP A 127 -10.94 -17.11 -0.54
C ASP A 127 -10.29 -15.74 -0.59
N ILE A 128 -9.53 -15.36 0.43
CA ILE A 128 -8.80 -14.10 0.35
C ILE A 128 -7.66 -14.21 -0.65
N THR A 129 -6.91 -15.32 -0.61
CA THR A 129 -5.79 -15.46 -1.53
C THR A 129 -6.25 -15.45 -2.97
N ASN A 130 -7.44 -16.03 -3.24
CA ASN A 130 -8.03 -15.98 -4.59
C ASN A 130 -8.25 -14.54 -5.04
N TYR A 131 -8.77 -13.71 -4.13
CA TYR A 131 -8.94 -12.29 -4.45
C TYR A 131 -7.59 -11.61 -4.64
N LYS A 132 -6.65 -11.85 -3.73
CA LYS A 132 -5.29 -11.32 -3.85
C LYS A 132 -4.68 -11.67 -5.19
N ASP A 133 -4.75 -12.95 -5.53
CA ASP A 133 -4.20 -13.44 -6.79
C ASP A 133 -4.78 -12.67 -7.97
N ALA A 134 -6.10 -12.48 -7.97
CA ALA A 134 -6.76 -11.80 -9.08
C ALA A 134 -6.25 -10.37 -9.25
N VAL A 135 -6.06 -9.65 -8.14
CA VAL A 135 -5.59 -8.27 -8.22
C VAL A 135 -4.12 -8.25 -8.66
N ASN A 136 -3.33 -9.23 -8.20
CA ASN A 136 -1.95 -9.34 -8.67
C ASN A 136 -1.91 -9.57 -10.17
N TRP A 137 -2.76 -10.46 -10.69
CA TRP A 137 -2.74 -10.75 -12.12
C TRP A 137 -3.11 -9.51 -12.93
N ILE A 138 -4.15 -8.78 -12.51
CA ILE A 138 -4.57 -7.57 -13.23
C ILE A 138 -3.48 -6.52 -13.19
N HIS A 139 -2.84 -6.36 -12.03
CA HIS A 139 -1.75 -5.41 -11.93
C HIS A 139 -0.62 -5.79 -12.87
N ASP A 140 -0.23 -7.07 -12.89
CA ASP A 140 0.80 -7.53 -13.81
C ASP A 140 0.46 -7.15 -15.24
N GLN A 141 -0.80 -7.30 -15.63
CA GLN A 141 -1.19 -6.96 -16.99
C GLN A 141 -1.04 -5.46 -17.24
N LEU A 142 -1.69 -4.64 -16.40
CA LEU A 142 -1.57 -3.20 -16.54
C LEU A 142 -0.12 -2.75 -16.50
N ALA A 143 0.70 -3.39 -15.65
CA ALA A 143 2.09 -2.97 -15.52
C ALA A 143 2.95 -3.40 -16.70
N SER A 144 2.47 -4.30 -17.56
CA SER A 144 3.30 -4.85 -18.62
C SER A 144 3.50 -3.90 -19.80
N ASP A 145 2.60 -2.93 -19.97
CA ASP A 145 2.71 -2.00 -21.09
C ASP A 145 2.06 -0.71 -20.66
N PRO A 146 2.74 0.43 -20.78
CA PRO A 146 2.13 1.70 -20.37
C PRO A 146 0.88 2.03 -21.14
N LYS A 147 0.65 1.42 -22.31
CA LYS A 147 -0.55 1.73 -23.07
C LYS A 147 -1.80 1.34 -22.30
N TYR A 148 -1.71 0.34 -21.42
CA TYR A 148 -2.88 -0.11 -20.68
C TYR A 148 -3.36 0.90 -19.65
N LEU A 149 -2.57 1.95 -19.38
CA LEU A 149 -3.00 3.01 -18.48
C LEU A 149 -3.87 4.06 -19.16
N SER A 150 -3.99 4.03 -20.48
CA SER A 150 -4.77 5.05 -21.18
C SER A 150 -5.65 4.52 -22.31
N ASP A 151 -5.54 3.25 -22.68
CA ASP A 151 -6.39 2.67 -23.71
C ASP A 151 -7.69 2.14 -23.08
N ASP A 152 -8.52 1.48 -23.87
CA ASP A 152 -9.81 1.01 -23.38
C ASP A 152 -9.81 -0.48 -23.02
N THR A 153 -8.66 -1.04 -22.68
CA THR A 153 -8.58 -2.46 -22.34
C THR A 153 -8.88 -2.68 -20.86
N ARG A 154 -9.71 -3.68 -20.58
CA ARG A 154 -9.97 -4.14 -19.22
C ARG A 154 -9.52 -5.58 -19.10
N PHE A 155 -8.68 -5.84 -18.11
CA PHE A 155 -8.30 -7.20 -17.73
C PHE A 155 -9.20 -7.61 -16.59
N TRP A 156 -9.83 -8.76 -16.70
CA TRP A 156 -10.78 -9.21 -15.70
C TRP A 156 -10.43 -10.61 -15.22
N VAL A 157 -10.86 -10.91 -14.00
CA VAL A 157 -10.75 -12.24 -13.39
C VAL A 157 -12.08 -12.55 -12.74
N ASP A 158 -12.55 -13.78 -12.94
CA ASP A 158 -13.76 -14.28 -12.30
C ASP A 158 -13.33 -14.92 -10.99
N VAL A 159 -13.52 -14.20 -9.89
CA VAL A 159 -13.07 -14.67 -8.57
C VAL A 159 -14.24 -15.42 -7.95
N THR A 160 -14.32 -16.72 -8.23
CA THR A 160 -15.40 -17.57 -7.71
C THR A 160 -15.34 -17.69 -6.20
N ALA B 1 15.63 -14.44 20.32
CA ALA B 1 16.27 -15.22 19.26
C ALA B 1 16.20 -14.50 17.92
N ASP B 2 15.30 -14.99 17.06
CA ASP B 2 15.06 -14.39 15.75
C ASP B 2 14.42 -13.01 15.86
N ARG B 3 13.63 -12.78 16.91
CA ARG B 3 12.86 -11.55 17.02
C ARG B 3 12.61 -11.25 18.50
N GLY B 4 12.12 -10.04 18.76
CA GLY B 4 11.76 -9.67 20.11
C GLY B 4 11.41 -8.19 20.20
N THR B 5 11.47 -7.69 21.43
CA THR B 5 11.28 -6.28 21.71
C THR B 5 12.51 -5.71 22.39
N GLU B 6 12.69 -4.41 22.21
CA GLU B 6 13.66 -3.65 22.98
C GLU B 6 13.08 -2.27 23.19
N THR B 7 13.47 -1.64 24.29
CA THR B 7 12.99 -0.30 24.57
C THR B 7 13.98 0.73 24.04
N VAL B 8 13.47 1.70 23.27
CA VAL B 8 14.29 2.74 22.68
C VAL B 8 13.74 4.08 23.17
N PRO B 9 14.42 4.77 24.09
CA PRO B 9 13.82 5.98 24.66
C PRO B 9 13.53 7.00 23.57
N GLY B 10 12.32 7.54 23.62
CA GLY B 10 11.90 8.57 22.70
C GLY B 10 11.28 8.07 21.42
N LEU B 11 11.34 6.76 21.17
CA LEU B 11 10.81 6.22 19.93
C LEU B 11 9.32 6.55 19.77
N GLY B 12 8.57 6.52 20.88
CA GLY B 12 7.13 6.71 20.77
C GLY B 12 6.77 8.07 20.20
N GLN B 13 7.54 9.10 20.55
CA GLN B 13 7.29 10.41 19.95
C GLN B 13 7.57 10.38 18.46
N ARG B 14 8.58 9.62 18.05
CA ARG B 14 8.90 9.49 16.64
C ARG B 14 7.86 8.62 15.92
N LYS B 15 7.37 7.57 16.58
CA LYS B 15 6.21 6.84 16.04
C LYS B 15 5.07 7.80 15.75
N GLN B 16 4.77 8.67 16.73
CA GLN B 16 3.64 9.58 16.59
C GLN B 16 3.86 10.60 15.47
N GLN B 17 5.09 11.09 15.34
CA GLN B 17 5.39 12.02 14.24
C GLN B 17 5.16 11.37 12.88
N ILE B 18 5.62 10.12 12.71
CA ILE B 18 5.37 9.39 11.46
C ILE B 18 3.89 9.30 11.17
N LEU B 19 3.09 8.93 12.16
CA LEU B 19 1.65 8.76 11.96
C LEU B 19 0.94 10.09 11.79
N ASN B 20 1.54 11.19 12.24
CA ASN B 20 1.02 12.54 12.06
C ASN B 20 1.51 13.18 10.77
N SER B 21 2.41 12.53 10.03
CA SER B 21 2.93 13.09 8.79
C SER B 21 2.49 12.28 7.57
N GLY B 22 1.34 11.63 7.65
CA GLY B 22 0.84 10.85 6.54
C GLY B 22 1.29 9.42 6.49
N GLY B 23 2.14 8.99 7.42
CA GLY B 23 2.50 7.59 7.51
C GLY B 23 1.38 6.78 8.12
N GLY B 24 1.35 5.49 7.78
CA GLY B 24 0.44 4.54 8.40
C GLY B 24 1.19 3.60 9.35
N VAL B 25 0.41 2.81 10.08
CA VAL B 25 0.99 1.72 10.88
C VAL B 25 1.87 0.85 10.00
N TRP B 26 1.47 0.64 8.75
CA TRP B 26 2.26 -0.17 7.82
C TRP B 26 3.61 0.49 7.52
N ASP B 27 3.60 1.80 7.25
CA ASP B 27 4.86 2.52 7.08
C ASP B 27 5.72 2.41 8.33
N LEU B 28 5.10 2.52 9.51
CA LEU B 28 5.85 2.41 10.76
C LEU B 28 6.56 1.06 10.86
N ALA B 29 5.89 -0.02 10.46
CA ALA B 29 6.47 -1.35 10.60
C ALA B 29 7.68 -1.54 9.69
N ILE B 30 7.62 -0.99 8.48
CA ILE B 30 8.76 -1.05 7.58
C ILE B 30 9.92 -0.24 8.14
N ALA B 31 9.63 0.95 8.68
CA ALA B 31 10.71 1.78 9.19
C ALA B 31 11.29 1.21 10.46
N MET B 32 10.47 0.56 11.29
CA MET B 32 10.97 -0.05 12.51
C MET B 32 11.98 -1.16 12.22
N LEU B 33 11.82 -1.88 11.11
CA LEU B 33 12.84 -2.87 10.75
C LEU B 33 14.10 -2.20 10.22
N GLU B 34 13.95 -1.06 9.55
CA GLU B 34 15.08 -0.40 8.90
C GLU B 34 16.08 0.12 9.90
N THR B 35 15.63 0.84 10.92
CA THR B 35 16.54 1.42 11.91
C THR B 35 15.99 1.27 13.31
N LYS B 36 16.91 1.40 14.28
CA LYS B 36 16.51 1.30 15.68
C LYS B 36 15.68 2.50 16.09
N ASN B 37 16.04 3.69 15.60
CA ASN B 37 15.49 4.93 16.11
C ASN B 37 14.47 5.57 15.17
N LEU B 38 14.05 4.86 14.13
CA LEU B 38 13.14 5.43 13.13
C LEU B 38 13.72 6.72 12.52
N GLY B 39 15.00 6.67 12.16
CA GLY B 39 15.72 7.86 11.75
C GLY B 39 16.43 7.70 10.41
N THR B 40 17.18 8.74 10.04
CA THR B 40 17.97 8.75 8.81
C THR B 40 19.45 9.01 9.06
N ASP B 41 19.93 8.86 10.30
CA ASP B 41 21.32 9.19 10.59
C ASP B 41 22.26 7.99 10.47
N TYR B 42 21.87 6.95 9.74
CA TYR B 42 22.83 5.95 9.32
C TYR B 42 23.78 6.59 8.30
N VAL B 43 24.86 5.87 7.97
CA VAL B 43 25.85 6.46 7.07
C VAL B 43 25.16 6.84 5.76
N TYR B 44 25.64 7.92 5.16
CA TYR B 44 25.04 8.47 3.94
C TYR B 44 24.85 7.38 2.89
N GLY B 45 23.65 7.32 2.32
CA GLY B 45 23.30 6.29 1.35
C GLY B 45 23.38 4.87 1.86
N ASP B 46 23.46 4.68 3.17
CA ASP B 46 23.75 3.36 3.75
C ASP B 46 25.04 2.79 3.17
N GLY B 47 25.98 3.67 2.85
CA GLY B 47 27.26 3.26 2.33
C GLY B 47 27.25 2.76 0.90
N LYS B 48 26.13 2.87 0.20
CA LYS B 48 26.03 2.43 -1.18
C LYS B 48 25.86 3.65 -2.08
N THR B 49 26.03 3.44 -3.38
CA THR B 49 26.05 4.53 -4.35
C THR B 49 25.24 4.13 -5.56
N TYR B 50 24.93 5.14 -6.39
CA TYR B 50 24.16 4.96 -7.62
C TYR B 50 22.85 4.25 -7.26
N ASP B 51 22.42 3.24 -8.00
CA ASP B 51 21.07 2.70 -7.81
C ASP B 51 20.89 1.93 -6.50
N SER B 52 21.99 1.56 -5.83
CA SER B 52 21.90 0.85 -4.57
C SER B 52 21.83 1.77 -3.36
N ALA B 53 21.97 3.08 -3.55
CA ALA B 53 22.02 4.02 -2.43
C ALA B 53 20.65 4.12 -1.75
N ASN B 54 20.67 4.10 -0.42
CA ASN B 54 19.45 4.12 0.40
C ASN B 54 19.25 5.46 1.10
N PHE B 55 17.99 5.89 1.17
CA PHE B 55 17.64 7.19 1.72
C PHE B 55 16.37 7.07 2.53
N GLY B 56 16.19 8.00 3.47
CA GLY B 56 14.97 8.09 4.25
C GLY B 56 14.88 7.01 5.31
N ILE B 57 13.77 7.06 6.08
CA ILE B 57 13.63 6.17 7.21
C ILE B 57 13.34 4.73 6.79
N PHE B 58 13.00 4.49 5.53
CA PHE B 58 12.79 3.14 5.04
C PHE B 58 14.00 2.58 4.32
N LYS B 59 15.06 3.38 4.18
CA LYS B 59 16.21 3.04 3.37
C LYS B 59 15.77 2.59 1.97
N GLN B 60 14.89 3.39 1.37
CA GLN B 60 14.51 3.19 -0.03
C GLN B 60 15.74 3.37 -0.92
N ASN B 61 15.85 2.56 -1.97
CA ASN B 61 17.01 2.66 -2.84
C ASN B 61 16.70 3.51 -4.07
N TRP B 62 17.76 4.05 -4.66
CA TRP B 62 17.61 5.08 -5.68
C TRP B 62 16.90 4.54 -6.92
N PHE B 63 17.11 3.27 -7.27
CA PHE B 63 16.40 2.71 -8.42
C PHE B 63 14.89 2.78 -8.22
N MET B 64 14.41 2.35 -7.04
CA MET B 64 12.99 2.43 -6.77
C MET B 64 12.51 3.87 -6.77
N LEU B 65 13.29 4.78 -6.18
CA LEU B 65 12.88 6.17 -6.10
C LEU B 65 12.69 6.77 -7.49
N ARG B 66 13.68 6.58 -8.37
CA ARG B 66 13.62 7.24 -9.66
C ARG B 66 12.68 6.55 -10.66
N THR B 67 12.22 5.33 -10.38
CA THR B 67 11.31 4.64 -11.30
C THR B 67 9.86 4.63 -10.85
N SER B 68 9.55 5.01 -9.60
CA SER B 68 8.21 4.78 -9.10
C SER B 68 7.66 5.87 -8.17
N THR B 69 8.32 7.02 -8.06
CA THR B 69 7.85 8.11 -7.22
C THR B 69 7.68 9.37 -8.05
N SER B 70 6.64 10.16 -7.74
CA SER B 70 6.51 11.48 -8.36
C SER B 70 7.62 12.43 -7.95
N GLN B 71 8.32 12.13 -6.85
CA GLN B 71 9.39 13.02 -6.38
C GLN B 71 10.59 12.95 -7.32
N PHE B 72 10.95 11.75 -7.78
CA PHE B 72 12.20 11.55 -8.52
C PHE B 72 11.96 10.95 -9.90
N LYS B 73 10.71 10.86 -10.33
CA LYS B 73 10.28 10.38 -11.65
C LYS B 73 11.28 10.71 -12.75
N GLY B 74 11.88 9.68 -13.35
CA GLY B 74 12.65 9.87 -14.56
C GLY B 74 14.07 10.36 -14.38
N GLN B 75 14.55 10.48 -13.15
CA GLN B 75 15.93 10.90 -12.95
C GLN B 75 16.89 9.75 -13.23
N THR B 76 18.16 10.10 -13.47
CA THR B 76 19.17 9.14 -13.88
C THR B 76 19.85 8.50 -12.69
N THR B 77 20.55 7.39 -12.96
CA THR B 77 21.33 6.74 -11.92
C THR B 77 22.39 7.68 -11.36
N ASN B 78 22.97 8.54 -12.21
CA ASN B 78 24.04 9.42 -11.77
C ASN B 78 23.55 10.54 -10.87
N GLN B 79 22.23 10.80 -10.87
CA GLN B 79 21.61 11.80 -10.00
C GLN B 79 21.31 11.27 -8.61
N TRP B 80 21.89 10.13 -8.23
CA TRP B 80 21.45 9.45 -7.03
C TRP B 80 21.53 10.32 -5.78
N ASN B 81 22.41 11.31 -5.76
CA ASN B 81 22.51 12.13 -4.55
C ASN B 81 21.26 12.97 -4.33
N ASN B 82 20.41 13.13 -5.35
CA ASN B 82 19.16 13.85 -5.14
C ASN B 82 18.27 13.15 -4.13
N GLY B 83 18.44 11.84 -3.93
CA GLY B 83 17.61 11.13 -2.98
C GLY B 83 17.76 11.62 -1.55
N ALA B 84 18.89 12.27 -1.24
CA ALA B 84 19.20 12.65 0.14
C ALA B 84 18.22 13.65 0.73
N VAL B 85 17.39 14.29 -0.11
CA VAL B 85 16.37 15.21 0.41
C VAL B 85 15.39 14.46 1.31
N LEU B 86 15.20 13.17 1.08
CA LEU B 86 14.31 12.42 1.96
C LEU B 86 14.88 12.29 3.37
N ASN B 87 16.19 12.53 3.55
CA ASN B 87 16.75 12.38 4.88
C ASN B 87 16.36 13.50 5.83
N SER B 88 15.78 14.60 5.32
CA SER B 88 15.35 15.66 6.20
C SER B 88 13.90 16.09 5.96
N ASN B 89 13.16 15.42 5.09
CA ASN B 89 11.74 15.72 4.84
C ASN B 89 10.94 14.46 5.07
N LEU B 90 10.47 14.26 6.30
CA LEU B 90 9.73 13.04 6.63
C LEU B 90 8.46 12.93 5.79
N GLN B 91 7.74 14.04 5.59
CA GLN B 91 6.51 13.99 4.79
C GLN B 91 6.78 13.45 3.40
N GLN B 92 7.84 13.94 2.73
CA GLN B 92 8.10 13.49 1.37
C GLN B 92 8.69 12.08 1.34
N ASP B 93 9.52 11.74 2.34
CA ASP B 93 10.02 10.37 2.52
C ASP B 93 8.87 9.38 2.54
N ILE B 94 7.89 9.62 3.41
CA ILE B 94 6.72 8.77 3.54
C ILE B 94 5.90 8.73 2.23
N LYS B 95 5.68 9.91 1.63
CA LYS B 95 4.91 9.94 0.39
C LYS B 95 5.61 9.16 -0.71
N ALA B 96 6.94 9.25 -0.78
CA ALA B 96 7.69 8.53 -1.80
C ALA B 96 7.51 7.02 -1.65
N ARG B 97 7.63 6.51 -0.43
CA ARG B 97 7.50 5.08 -0.23
C ARG B 97 6.09 4.61 -0.56
N GLN B 98 5.08 5.42 -0.20
CA GLN B 98 3.70 5.03 -0.48
C GLN B 98 3.41 5.09 -1.97
N GLU B 99 3.89 6.14 -2.65
CA GLU B 99 3.75 6.19 -4.11
C GLU B 99 4.47 5.02 -4.76
N SER B 100 5.68 4.70 -4.28
CA SER B 100 6.44 3.60 -4.85
C SER B 100 5.68 2.29 -4.73
N GLN B 101 5.11 2.02 -3.55
CA GLN B 101 4.37 0.78 -3.36
C GLN B 101 3.07 0.79 -4.13
N ASN B 102 2.47 1.96 -4.31
CA ASN B 102 1.26 2.06 -5.11
C ASN B 102 1.54 1.99 -6.60
N TYR B 103 2.81 2.09 -7.01
CA TYR B 103 3.20 1.90 -8.40
C TYR B 103 3.44 0.43 -8.71
N TYR B 104 4.33 -0.20 -7.94
CA TYR B 104 4.72 -1.58 -8.16
C TYR B 104 3.73 -2.58 -7.58
N GLY B 105 2.82 -2.16 -6.73
CA GLY B 105 2.07 -3.10 -5.95
C GLY B 105 2.93 -3.67 -4.82
N PRO B 106 2.30 -4.18 -3.77
CA PRO B 106 3.07 -4.60 -2.58
C PRO B 106 4.13 -5.66 -2.87
N ASP B 107 3.77 -6.75 -3.54
CA ASP B 107 4.72 -7.84 -3.73
C ASP B 107 5.93 -7.39 -4.52
N LYS B 108 5.70 -6.67 -5.63
CA LYS B 108 6.83 -6.20 -6.42
C LYS B 108 7.58 -5.07 -5.72
N TRP B 109 6.87 -4.24 -4.93
CA TRP B 109 7.59 -3.22 -4.16
C TRP B 109 8.56 -3.85 -3.20
N PHE B 110 8.11 -4.87 -2.46
CA PHE B 110 9.01 -5.63 -1.59
C PHE B 110 10.23 -6.13 -2.35
N ALA B 111 10.00 -6.74 -3.51
CA ALA B 111 11.09 -7.30 -4.29
C ALA B 111 12.09 -6.22 -4.70
N GLY B 112 11.59 -5.09 -5.20
CA GLY B 112 12.49 -4.03 -5.64
C GLY B 112 13.13 -3.27 -4.50
N HIS B 113 12.39 -3.09 -3.41
CA HIS B 113 12.99 -2.50 -2.21
C HIS B 113 14.10 -3.38 -1.67
N ARG B 114 13.86 -4.68 -1.62
CA ARG B 114 14.82 -5.61 -1.03
C ARG B 114 16.01 -5.85 -1.96
N ASN B 115 15.75 -6.00 -3.25
CA ASN B 115 16.76 -6.47 -4.18
C ASN B 115 16.92 -5.56 -5.40
N GLY B 116 16.39 -4.34 -5.34
CA GLY B 116 16.59 -3.47 -6.48
C GLY B 116 15.99 -4.05 -7.75
N GLU B 117 16.59 -3.66 -8.88
CA GLU B 117 16.03 -3.96 -10.19
C GLU B 117 15.96 -5.46 -10.44
N SER B 118 16.99 -6.20 -10.01
CA SER B 118 17.01 -7.62 -10.27
C SER B 118 15.94 -8.37 -9.48
N GLY B 119 15.41 -7.76 -8.42
CA GLY B 119 14.37 -8.39 -7.64
C GLY B 119 13.03 -8.45 -8.34
N LEU B 120 12.78 -7.54 -9.28
CA LEU B 120 11.49 -7.50 -9.95
C LEU B 120 11.29 -8.69 -10.90
N SER B 121 12.37 -9.34 -11.33
CA SER B 121 12.23 -10.55 -12.11
C SER B 121 11.42 -11.61 -11.37
N ASN B 122 11.71 -11.79 -10.08
CA ASN B 122 11.13 -12.88 -9.30
C ASN B 122 10.87 -12.32 -7.91
N PRO B 123 9.65 -11.83 -7.66
CA PRO B 123 9.35 -11.26 -6.33
C PRO B 123 9.35 -12.26 -5.20
N TYR B 124 9.48 -13.56 -5.48
CA TYR B 124 9.15 -14.58 -4.50
C TYR B 124 10.35 -15.48 -4.17
N THR B 125 11.55 -14.93 -4.24
CA THR B 125 12.72 -15.58 -3.67
C THR B 125 12.57 -15.72 -2.15
N GLN B 126 13.36 -16.62 -1.57
CA GLN B 126 13.33 -16.79 -0.12
C GLN B 126 13.76 -15.49 0.58
N ASP B 127 14.82 -14.86 0.08
CA ASP B 127 15.30 -13.62 0.66
C ASP B 127 14.20 -12.57 0.74
N ILE B 128 13.46 -12.39 -0.36
CA ILE B 128 12.41 -11.39 -0.35
C ILE B 128 11.28 -11.83 0.57
N THR B 129 10.90 -13.11 0.53
CA THR B 129 9.79 -13.57 1.36
C THR B 129 10.13 -13.42 2.84
N ASN B 130 11.38 -13.69 3.20
CA ASN B 130 11.79 -13.58 4.60
C ASN B 130 11.71 -12.14 5.08
N TYR B 131 12.04 -11.20 4.21
CA TYR B 131 11.91 -9.79 4.56
C TYR B 131 10.44 -9.41 4.72
N LYS B 132 9.60 -9.79 3.75
CA LYS B 132 8.17 -9.52 3.84
C LYS B 132 7.59 -10.03 5.15
N ASP B 133 7.94 -11.27 5.51
CA ASP B 133 7.37 -11.89 6.70
C ASP B 133 7.78 -11.16 7.96
N ALA B 134 9.03 -10.70 8.01
CA ALA B 134 9.48 -9.95 9.17
C ALA B 134 8.69 -8.65 9.33
N VAL B 135 8.51 -7.90 8.23
CA VAL B 135 7.72 -6.68 8.30
C VAL B 135 6.30 -6.99 8.76
N ASN B 136 5.72 -8.09 8.27
CA ASN B 136 4.35 -8.42 8.63
C ASN B 136 4.26 -8.82 10.10
N TRP B 137 5.28 -9.49 10.62
CA TRP B 137 5.33 -9.76 12.04
C TRP B 137 5.34 -8.47 12.85
N ILE B 138 6.23 -7.53 12.48
CA ILE B 138 6.30 -6.27 13.21
C ILE B 138 4.97 -5.54 13.16
N HIS B 139 4.32 -5.51 12.00
CA HIS B 139 3.02 -4.88 11.91
C HIS B 139 2.01 -5.56 12.83
N ASP B 140 1.97 -6.89 12.82
CA ASP B 140 1.07 -7.61 13.71
C ASP B 140 1.31 -7.20 15.17
N GLN B 141 2.57 -7.02 15.56
CA GLN B 141 2.85 -6.64 16.93
C GLN B 141 2.36 -5.23 17.24
N LEU B 142 2.66 -4.29 16.34
CA LEU B 142 2.20 -2.92 16.53
C LEU B 142 0.68 -2.86 16.55
N ALA B 143 0.02 -3.67 15.74
CA ALA B 143 -1.44 -3.64 15.65
C ALA B 143 -2.13 -4.36 16.79
N SER B 144 -1.39 -5.09 17.64
CA SER B 144 -2.02 -5.88 18.69
C SER B 144 -2.44 -5.05 19.90
N ASP B 145 -2.02 -3.78 19.98
CA ASP B 145 -2.36 -2.91 21.10
C ASP B 145 -2.02 -1.48 20.73
N PRO B 146 -2.97 -0.55 20.82
CA PRO B 146 -2.68 0.84 20.43
C PRO B 146 -1.55 1.49 21.22
N LYS B 147 -1.28 1.02 22.44
CA LYS B 147 -0.18 1.60 23.21
C LYS B 147 1.15 1.50 22.47
N TYR B 148 1.34 0.46 21.66
CA TYR B 148 2.56 0.29 20.88
C TYR B 148 2.74 1.34 19.81
N LEU B 149 1.70 2.10 19.49
CA LEU B 149 1.79 3.19 18.53
C LEU B 149 2.35 4.46 19.14
N SER B 150 2.56 4.50 20.46
CA SER B 150 3.08 5.70 21.09
C SER B 150 4.04 5.43 22.23
N ASP B 151 4.29 4.17 22.59
CA ASP B 151 5.28 3.85 23.60
C ASP B 151 6.66 3.74 22.94
N ASP B 152 7.67 3.38 23.73
CA ASP B 152 9.03 3.31 23.23
C ASP B 152 9.42 1.90 22.79
N THR B 153 8.44 1.02 22.59
CA THR B 153 8.72 -0.37 22.26
C THR B 153 9.11 -0.48 20.80
N ARG B 154 10.29 -1.05 20.54
CA ARG B 154 10.69 -1.46 19.19
C ARG B 154 10.55 -2.98 19.06
N PHE B 155 9.74 -3.41 18.09
CA PHE B 155 9.70 -4.80 17.67
C PHE B 155 10.73 -5.00 16.55
N TRP B 156 11.63 -5.96 16.73
CA TRP B 156 12.65 -6.23 15.73
C TRP B 156 12.62 -7.69 15.34
N VAL B 157 13.14 -7.95 14.14
CA VAL B 157 13.42 -9.30 13.64
C VAL B 157 14.82 -9.30 13.05
N ASP B 158 15.58 -10.37 13.27
CA ASP B 158 16.93 -10.45 12.73
C ASP B 158 16.85 -10.81 11.26
N VAL B 159 16.88 -9.79 10.40
CA VAL B 159 16.90 -9.97 8.95
C VAL B 159 18.16 -9.32 8.40
N THR B 160 19.03 -10.14 7.80
CA THR B 160 20.26 -9.65 7.18
C THR B 160 20.00 -8.88 5.88
C1 BMA C . -16.51 -16.53 -20.10
C2 BMA C . -16.14 -15.51 -21.17
C3 BMA C . -16.33 -14.12 -20.69
C4 BMA C . -17.71 -13.88 -20.14
C5 BMA C . -18.13 -14.99 -19.16
C6 BMA C . -19.56 -14.80 -18.73
O1 BMA C . -16.29 -17.81 -20.49
O2 BMA C . -17.02 -15.66 -22.31
O3 BMA C . -16.04 -13.21 -21.79
O4 BMA C . -17.84 -12.39 -19.95
O5 BMA C . -17.95 -16.34 -19.71
O6 BMA C . -20.37 -14.73 -19.88
C1 BMA C . -16.93 -11.88 -19.06
C2 BMA C . -17.03 -10.36 -18.96
C3 BMA C . -16.35 -9.83 -17.75
C4 BMA C . -16.68 -10.56 -16.48
C5 BMA C . -16.37 -12.05 -16.65
C6 BMA C . -16.73 -12.90 -15.48
O2 BMA C . -18.42 -9.98 -18.95
O3 BMA C . -16.69 -8.42 -17.59
O4 BMA C . -15.75 -10.00 -15.52
O5 BMA C . -17.18 -12.56 -17.76
O6 BMA C . -17.97 -12.49 -14.99
C1 BMA C . -16.31 -9.78 -14.30
C2 BMA C . -15.38 -10.26 -13.19
C3 BMA C . -16.04 -10.08 -11.88
C4 BMA C . -16.45 -8.64 -11.69
C5 BMA C . -17.27 -8.10 -12.87
C6 BMA C . -17.50 -6.64 -12.76
O2 BMA C . -14.17 -9.47 -13.22
O3 BMA C . -15.14 -10.48 -10.80
O4 BMA C . -17.25 -8.44 -10.56
O5 BMA C . -16.62 -8.33 -14.17
O6 BMA C . -18.45 -6.33 -13.73
C1 BMA C . -16.71 -7.90 -9.44
C2 BMA C . -17.83 -7.43 -8.51
C3 BMA C . -17.30 -6.95 -7.20
C4 BMA C . -16.34 -7.90 -6.55
C5 BMA C . -15.27 -8.40 -7.51
C6 BMA C . -14.50 -9.51 -6.85
O2 BMA C . -18.75 -8.51 -8.30
O3 BMA C . -18.43 -6.72 -6.30
O4 BMA C . -15.99 -7.57 -5.33
O5 BMA C . -15.83 -8.92 -8.78
O6 BMA C . -15.32 -10.62 -6.74
C1 BMA D . 19.14 -11.30 21.29
C2 BMA D . 18.88 -10.28 22.39
C3 BMA D . 18.90 -8.89 21.88
C4 BMA D . 20.18 -8.58 21.15
C5 BMA D . 20.57 -9.67 20.14
C6 BMA D . 21.97 -9.43 19.68
O1 BMA D . 19.15 -12.55 21.81
O2 BMA D . 19.91 -10.41 23.38
O3 BMA D . 18.76 -7.98 23.00
O4 BMA D . 20.02 -7.31 20.39
O5 BMA D . 20.47 -11.03 20.67
O6 BMA D . 22.81 -9.93 20.68
C1 BMA D . 19.15 -7.07 19.36
C2 BMA D . 18.91 -5.58 19.14
C3 BMA D . 18.19 -5.25 17.86
C4 BMA D . 18.55 -6.09 16.67
C5 BMA D . 18.67 -7.57 17.05
C6 BMA D . 19.11 -8.39 15.90
O2 BMA D . 20.18 -4.89 19.12
O3 BMA D . 18.44 -3.86 17.54
O4 BMA D . 17.65 -5.79 15.55
O5 BMA D . 19.66 -7.71 18.11
O6 BMA D . 20.37 -7.92 15.53
C1 BMA D . 18.23 -5.46 14.38
C2 BMA D . 17.55 -6.22 13.26
C3 BMA D . 18.13 -5.85 11.95
C4 BMA D . 18.04 -4.37 11.75
C5 BMA D . 18.78 -3.62 12.88
C6 BMA D . 18.69 -2.14 12.69
O2 BMA D . 16.13 -5.94 13.26
O3 BMA D . 17.41 -6.57 10.89
O4 BMA D . 18.84 -3.96 10.63
O5 BMA D . 18.22 -3.96 14.20
O6 BMA D . 18.92 -1.50 13.91
C1 BMA D . 18.22 -3.51 9.50
C2 BMA D . 19.21 -2.76 8.63
C3 BMA D . 18.62 -2.35 7.32
C4 BMA D . 17.91 -3.47 6.61
C5 BMA D . 16.96 -4.24 7.53
C6 BMA D . 16.43 -5.43 6.80
O2 BMA D . 20.36 -3.60 8.40
O3 BMA D . 19.69 -1.84 6.47
O4 BMA D . 17.52 -3.05 5.81
O5 BMA D . 17.63 -4.68 8.77
O6 BMA D . 17.44 -6.39 6.69
#